data_6I8T
#
_entry.id   6I8T
#
_cell.length_a   58.181
_cell.length_b   63.965
_cell.length_c   97.678
_cell.angle_alpha   90.00
_cell.angle_beta   90.00
_cell.angle_gamma   90.00
#
_symmetry.space_group_name_H-M   'P 21 21 21'
#
loop_
_entity.id
_entity.type
_entity.pdbx_description
1 polymer 'Poly [ADP-ribose] polymerase 1'
2 non-polymer (1~{R})-2-(1-cyclohexylpiperidin-4-yl)-1-methyl-3-oxidanylidene-1~{H}-isoindole-4-carboxamide
3 water water
#
_entity_poly.entity_id   1
_entity_poly.type   'polypeptide(L)'
_entity_poly.pdbx_seq_one_letter_code
;GPKLTVSAGTKSKLAKPIQDLIKMIFDVESMKKAMVEFEIDLQKMPLGKLSKRQIQSAYSILNEVQQAVSDGGSESQILD
LSNRFYTLIPHDFGMKKPPLLSNLEYIQAKVQMLDNLLDIEVAYSLLRGGNEDGDKDPIDINYEKLRTDIKVVDKDSEEA
KIIKQYVKNTHAATHNAYDLKVVEIFRIEREGESQRYKPFKQLHNRQLLWHGSRTTNFAGILSQGLRIAPPEAPVTGYMF
GKGIYFADMVSKSANYCHTSQADPIGLILLGEVALGNMYELKNASHITKLPKGKHSVKGLGKTAPDPTATTTLDGVEVPL
GNGISTGINDTCLLYNEYIVYDVAQVNLKYLLKLKFNYKTSLW
;
_entity_poly.pdbx_strand_id   A
#
# COMPACT_ATOMS: atom_id res chain seq x y z
N LYS A 11 0.65 -32.33 -7.69
CA LYS A 11 -0.26 -31.18 -7.40
C LYS A 11 0.03 -30.64 -6.00
N SER A 12 -0.47 -29.42 -5.73
CA SER A 12 -0.14 -28.70 -4.52
C SER A 12 -1.01 -29.17 -3.35
N LYS A 13 -0.42 -29.16 -2.15
CA LYS A 13 -1.15 -29.48 -0.94
C LYS A 13 -1.50 -28.21 -0.17
N LEU A 14 -1.51 -27.06 -0.87
CA LEU A 14 -2.00 -25.79 -0.34
C LEU A 14 -3.52 -25.79 -0.54
N ALA A 15 -4.29 -25.30 0.43
CA ALA A 15 -5.75 -25.26 0.28
C ALA A 15 -6.14 -24.34 -0.88
N LYS A 16 -7.29 -24.64 -1.50
CA LYS A 16 -7.74 -23.97 -2.72
C LYS A 16 -7.67 -22.44 -2.58
N PRO A 17 -8.28 -21.81 -1.55
CA PRO A 17 -8.19 -20.36 -1.36
C PRO A 17 -6.78 -19.78 -1.41
N ILE A 18 -5.81 -20.49 -0.80
CA ILE A 18 -4.42 -20.03 -0.82
C ILE A 18 -3.82 -20.15 -2.22
N GLN A 19 -4.18 -21.22 -2.94
CA GLN A 19 -3.71 -21.41 -4.29
C GLN A 19 -4.23 -20.26 -5.14
N ASP A 20 -5.52 -19.97 -5.00
CA ASP A 20 -6.17 -18.91 -5.74
C ASP A 20 -5.46 -17.59 -5.45
N LEU A 21 -5.10 -17.39 -4.17
CA LEU A 21 -4.44 -16.17 -3.75
C LEU A 21 -3.12 -16.01 -4.50
N ILE A 22 -2.36 -17.11 -4.62
CA ILE A 22 -1.00 -17.04 -5.15
C ILE A 22 -1.06 -16.72 -6.64
N LYS A 23 -2.08 -17.27 -7.30
CA LYS A 23 -2.33 -17.05 -8.71
C LYS A 23 -2.64 -15.58 -8.97
N MET A 24 -3.51 -15.00 -8.12
CA MET A 24 -3.88 -13.58 -8.17
C MET A 24 -2.65 -12.68 -8.06
N ILE A 25 -1.80 -12.96 -7.07
CA ILE A 25 -0.64 -12.15 -6.76
C ILE A 25 0.36 -12.16 -7.91
N PHE A 26 0.51 -13.32 -8.60
CA PHE A 26 1.52 -13.48 -9.64
C PHE A 26 0.91 -13.37 -11.05
N ASP A 27 -0.31 -12.83 -11.14
CA ASP A 27 -1.01 -12.77 -12.42
C ASP A 27 -0.27 -11.82 -13.37
N VAL A 28 0.15 -12.34 -14.53
CA VAL A 28 0.96 -11.57 -15.46
C VAL A 28 0.10 -10.52 -16.16
N GLU A 29 -1.17 -10.83 -16.45
CA GLU A 29 -2.06 -9.91 -17.12
C GLU A 29 -2.30 -8.65 -16.26
N SER A 30 -2.33 -8.82 -14.92
CA SER A 30 -2.54 -7.73 -13.98
C SER A 30 -1.38 -6.75 -14.01
N MET A 31 -0.17 -7.30 -14.09
CA MET A 31 1.00 -6.45 -14.15
C MET A 31 0.94 -5.59 -15.40
N LYS A 32 0.63 -6.20 -16.55
CA LYS A 32 0.60 -5.44 -17.79
C LYS A 32 -0.48 -4.37 -17.75
N LYS A 33 -1.69 -4.71 -17.27
CA LYS A 33 -2.79 -3.76 -17.16
C LYS A 33 -2.39 -2.58 -16.29
N ALA A 34 -1.71 -2.84 -15.17
CA ALA A 34 -1.16 -1.79 -14.32
C ALA A 34 -0.27 -0.88 -15.14
N MET A 35 0.66 -1.46 -15.90
CA MET A 35 1.56 -0.66 -16.72
C MET A 35 0.79 0.17 -17.75
N VAL A 36 -0.23 -0.43 -18.38
CA VAL A 36 -0.99 0.27 -19.40
C VAL A 36 -1.69 1.47 -18.76
N GLU A 37 -2.28 1.24 -17.57
CA GLU A 37 -2.99 2.31 -16.87
C GLU A 37 -2.06 3.45 -16.53
N PHE A 38 -0.77 3.14 -16.33
CA PHE A 38 0.20 4.18 -16.06
C PHE A 38 0.63 4.89 -17.34
N GLU A 39 0.07 4.45 -18.48
CA GLU A 39 0.26 5.06 -19.79
C GLU A 39 1.64 4.71 -20.35
N ILE A 40 2.17 3.58 -19.92
CA ILE A 40 3.47 3.15 -20.38
C ILE A 40 3.30 2.49 -21.76
N ASP A 41 4.28 2.69 -22.64
CA ASP A 41 4.25 2.07 -23.95
C ASP A 41 4.84 0.66 -23.85
N LEU A 42 3.96 -0.32 -23.83
CA LEU A 42 4.30 -1.71 -23.65
C LEU A 42 4.93 -2.30 -24.92
N GLN A 43 4.90 -1.57 -26.02
CA GLN A 43 5.56 -2.06 -27.24
C GLN A 43 7.05 -1.73 -27.21
N LYS A 44 7.43 -0.68 -26.47
CA LYS A 44 8.79 -0.18 -26.41
C LYS A 44 9.40 -0.53 -25.04
N MET A 45 8.53 -0.78 -24.06
CA MET A 45 8.96 -1.16 -22.74
C MET A 45 8.09 -2.31 -22.23
N PRO A 46 8.33 -3.57 -22.67
CA PRO A 46 7.53 -4.70 -22.22
C PRO A 46 7.86 -5.08 -20.77
N LEU A 47 6.96 -5.87 -20.16
CA LEU A 47 7.12 -6.39 -18.81
C LEU A 47 8.54 -6.93 -18.62
N GLY A 48 9.02 -7.71 -19.59
CA GLY A 48 10.32 -8.36 -19.46
C GLY A 48 11.55 -7.44 -19.64
N LYS A 49 11.41 -6.12 -19.49
CA LYS A 49 12.50 -5.20 -19.79
C LYS A 49 12.66 -4.20 -18.66
N LEU A 50 11.67 -4.17 -17.76
CA LEU A 50 11.74 -3.41 -16.51
C LEU A 50 13.02 -3.83 -15.79
N SER A 51 13.81 -2.85 -15.34
CA SER A 51 14.94 -3.14 -14.46
C SER A 51 14.94 -2.20 -13.25
N LYS A 52 15.52 -2.68 -12.13
CA LYS A 52 15.63 -1.90 -10.90
C LYS A 52 16.48 -0.65 -11.13
N ARG A 53 17.53 -0.80 -11.93
CA ARG A 53 18.51 0.27 -12.08
C ARG A 53 17.86 1.44 -12.84
N GLN A 54 17.27 1.11 -13.99
CA GLN A 54 16.63 2.09 -14.85
C GLN A 54 15.50 2.79 -14.08
N ILE A 55 14.81 2.05 -13.21
CA ILE A 55 13.70 2.62 -12.48
C ILE A 55 14.22 3.64 -11.46
N GLN A 56 15.25 3.23 -10.71
CA GLN A 56 15.85 4.09 -9.70
C GLN A 56 16.22 5.43 -10.35
N SER A 57 16.74 5.37 -11.59
CA SER A 57 17.20 6.55 -12.30
C SER A 57 16.05 7.52 -12.55
N ALA A 58 14.88 6.98 -12.92
CA ALA A 58 13.74 7.85 -13.17
C ALA A 58 13.46 8.67 -11.91
N TYR A 59 13.68 8.03 -10.75
CA TYR A 59 13.38 8.63 -9.47
C TYR A 59 14.17 9.93 -9.30
N SER A 60 15.43 9.91 -9.76
CA SER A 60 16.29 11.08 -9.61
C SER A 60 15.81 12.21 -10.53
N ILE A 61 15.33 11.84 -11.73
CA ILE A 61 14.88 12.84 -12.67
C ILE A 61 13.64 13.52 -12.07
N LEU A 62 12.74 12.73 -11.48
CA LEU A 62 11.52 13.28 -10.91
C LEU A 62 11.85 14.18 -9.73
N ASN A 63 12.90 13.82 -9.00
CA ASN A 63 13.31 14.56 -7.82
C ASN A 63 13.73 15.96 -8.28
N GLU A 64 14.54 15.96 -9.34
CA GLU A 64 15.16 17.14 -9.90
C GLU A 64 14.10 18.06 -10.52
N VAL A 65 13.16 17.48 -11.26
CA VAL A 65 12.16 18.30 -11.94
C VAL A 65 11.20 18.89 -10.90
N GLN A 66 10.88 18.13 -9.82
CA GLN A 66 10.05 18.64 -8.74
C GLN A 66 10.71 19.87 -8.10
N GLN A 67 12.04 19.80 -7.90
CA GLN A 67 12.81 20.89 -7.30
C GLN A 67 12.77 22.12 -8.20
N ALA A 68 12.98 21.88 -9.51
CA ALA A 68 13.01 22.92 -10.51
C ALA A 68 11.69 23.66 -10.48
N VAL A 69 10.57 22.91 -10.46
CA VAL A 69 9.24 23.50 -10.46
C VAL A 69 9.08 24.30 -9.17
N SER A 70 9.44 23.67 -8.03
CA SER A 70 9.26 24.30 -6.72
C SER A 70 10.03 25.62 -6.62
N ASP A 71 11.26 25.66 -7.17
CA ASP A 71 12.18 26.78 -6.97
C ASP A 71 12.11 27.79 -8.12
N GLY A 72 11.24 27.55 -9.11
CA GLY A 72 11.09 28.42 -10.27
C GLY A 72 12.32 28.39 -11.18
N GLY A 73 12.84 27.19 -11.46
CA GLY A 73 13.84 27.03 -12.53
C GLY A 73 13.24 27.35 -13.90
N SER A 74 14.09 27.39 -14.93
CA SER A 74 13.71 27.74 -16.29
C SER A 74 12.75 26.73 -16.90
N GLU A 75 11.91 27.21 -17.81
CA GLU A 75 11.06 26.30 -18.55
C GLU A 75 11.91 25.27 -19.29
N SER A 76 13.15 25.62 -19.65
CA SER A 76 13.90 24.70 -20.48
C SER A 76 14.56 23.61 -19.64
N GLN A 77 14.97 23.97 -18.41
CA GLN A 77 15.35 22.95 -17.45
C GLN A 77 14.22 21.92 -17.33
N ILE A 78 13.02 22.41 -17.07
CA ILE A 78 11.86 21.55 -16.91
C ILE A 78 11.62 20.73 -18.18
N LEU A 79 11.69 21.37 -19.38
CA LEU A 79 11.48 20.68 -20.64
C LEU A 79 12.53 19.58 -20.77
N ASP A 80 13.78 19.98 -20.51
CA ASP A 80 14.92 19.09 -20.66
C ASP A 80 14.69 17.86 -19.79
N LEU A 81 14.21 18.06 -18.55
CA LEU A 81 14.09 16.95 -17.62
C LEU A 81 12.93 16.05 -18.02
N SER A 82 11.87 16.69 -18.52
CA SER A 82 10.68 16.01 -18.97
C SER A 82 11.02 15.05 -20.12
N ASN A 83 11.87 15.49 -21.05
CA ASN A 83 12.26 14.68 -22.19
C ASN A 83 13.06 13.45 -21.74
N ARG A 84 13.98 13.68 -20.81
CA ARG A 84 14.81 12.62 -20.25
C ARG A 84 13.94 11.54 -19.60
N PHE A 85 12.91 11.96 -18.87
CA PHE A 85 12.05 11.02 -18.17
C PHE A 85 11.40 10.10 -19.20
N TYR A 86 10.84 10.72 -20.25
CA TYR A 86 10.07 10.02 -21.26
C TYR A 86 10.96 9.21 -22.19
N THR A 87 12.23 9.61 -22.35
CA THR A 87 13.15 8.81 -23.15
C THR A 87 13.54 7.54 -22.38
N LEU A 88 13.57 7.64 -21.04
CA LEU A 88 13.95 6.54 -20.17
C LEU A 88 12.77 5.59 -19.96
N ILE A 89 11.59 6.14 -19.72
CA ILE A 89 10.41 5.32 -19.54
C ILE A 89 9.44 5.70 -20.65
N PRO A 90 9.46 5.00 -21.82
CA PRO A 90 8.56 5.28 -22.94
C PRO A 90 7.08 5.22 -22.58
N HIS A 91 6.37 6.32 -22.87
CA HIS A 91 4.93 6.43 -22.62
C HIS A 91 4.17 6.47 -23.94
N ASP A 92 2.90 6.08 -23.88
CA ASP A 92 2.02 6.14 -25.03
C ASP A 92 0.81 6.99 -24.67
N PHE A 93 0.79 8.22 -25.19
CA PHE A 93 -0.29 9.15 -24.89
C PHE A 93 -1.39 9.05 -25.95
N GLY A 94 -1.32 8.01 -26.76
CA GLY A 94 -2.18 7.86 -27.92
C GLY A 94 -2.19 9.12 -28.77
N MET A 95 -3.39 9.70 -28.91
CA MET A 95 -3.53 10.81 -29.84
C MET A 95 -2.93 12.08 -29.24
N LYS A 96 -3.30 12.32 -27.96
CA LYS A 96 -2.94 13.47 -27.15
C LYS A 96 -1.45 13.79 -27.24
N LYS A 97 -1.13 15.06 -26.98
CA LYS A 97 0.23 15.56 -26.82
C LYS A 97 0.74 15.08 -25.46
N PRO A 98 2.03 14.68 -25.34
CA PRO A 98 2.62 14.29 -24.06
C PRO A 98 2.57 15.40 -23.00
N PRO A 99 1.91 15.15 -21.84
CA PRO A 99 1.94 16.09 -20.72
C PRO A 99 3.40 16.31 -20.30
N LEU A 100 3.78 17.58 -20.11
CA LEU A 100 5.10 17.90 -19.57
C LEU A 100 5.07 17.76 -18.05
N LEU A 101 6.25 17.56 -17.45
CA LEU A 101 6.39 17.41 -16.01
C LEU A 101 6.57 18.78 -15.38
N SER A 102 5.51 19.60 -15.44
CA SER A 102 5.66 20.99 -15.04
C SER A 102 4.70 21.35 -13.91
N ASN A 103 3.90 20.40 -13.47
CA ASN A 103 3.13 20.65 -12.26
C ASN A 103 3.31 19.48 -11.29
N LEU A 104 3.16 19.80 -10.00
CA LEU A 104 3.59 18.92 -8.93
C LEU A 104 2.61 17.75 -8.79
N GLU A 105 1.33 18.02 -9.07
CA GLU A 105 0.31 16.99 -8.98
C GLU A 105 0.66 15.87 -9.95
N TYR A 106 1.12 16.25 -11.15
CA TYR A 106 1.48 15.27 -12.17
C TYR A 106 2.80 14.57 -11.84
N ILE A 107 3.76 15.30 -11.27
CA ILE A 107 5.04 14.69 -10.90
C ILE A 107 4.80 13.65 -9.80
N GLN A 108 3.94 13.98 -8.84
CA GLN A 108 3.60 13.06 -7.78
C GLN A 108 2.94 11.80 -8.32
N ALA A 109 2.08 11.96 -9.35
CA ALA A 109 1.46 10.82 -10.00
C ALA A 109 2.54 9.94 -10.60
N LYS A 110 3.58 10.57 -11.15
CA LYS A 110 4.67 9.84 -11.77
C LYS A 110 5.51 9.11 -10.73
N VAL A 111 5.62 9.71 -9.52
CA VAL A 111 6.40 9.08 -8.47
C VAL A 111 5.70 7.80 -8.05
N GLN A 112 4.39 7.93 -7.85
CA GLN A 112 3.49 6.83 -7.54
C GLN A 112 3.67 5.70 -8.56
N MET A 113 3.71 6.06 -9.86
CA MET A 113 3.89 5.08 -10.93
C MET A 113 5.17 4.31 -10.71
N LEU A 114 6.25 5.04 -10.42
CA LEU A 114 7.55 4.41 -10.18
C LEU A 114 7.49 3.44 -8.97
N ASP A 115 6.74 3.77 -7.92
CA ASP A 115 6.65 2.88 -6.78
C ASP A 115 5.98 1.58 -7.24
N ASN A 116 4.95 1.69 -8.10
CA ASN A 116 4.23 0.53 -8.59
C ASN A 116 5.12 -0.30 -9.52
N LEU A 117 5.90 0.35 -10.42
CA LEU A 117 6.78 -0.36 -11.35
C LEU A 117 7.83 -1.21 -10.60
N LEU A 118 8.36 -0.65 -9.51
CA LEU A 118 9.37 -1.35 -8.72
C LEU A 118 8.79 -2.63 -8.13
N ASP A 119 7.60 -2.53 -7.53
CA ASP A 119 6.90 -3.71 -7.03
C ASP A 119 6.58 -4.70 -8.15
N ILE A 120 6.21 -4.21 -9.34
CA ILE A 120 5.94 -5.09 -10.47
C ILE A 120 7.22 -5.81 -10.93
N GLU A 121 8.33 -5.07 -10.99
CA GLU A 121 9.62 -5.68 -11.30
C GLU A 121 9.91 -6.80 -10.30
N VAL A 122 9.64 -6.55 -9.01
CA VAL A 122 9.89 -7.54 -7.97
C VAL A 122 9.08 -8.82 -8.25
N ALA A 123 7.77 -8.66 -8.52
CA ALA A 123 6.89 -9.79 -8.76
C ALA A 123 7.33 -10.56 -10.00
N TYR A 124 7.63 -9.84 -11.09
CA TYR A 124 7.98 -10.49 -12.35
C TYR A 124 9.28 -11.29 -12.22
N SER A 125 10.31 -10.69 -11.61
CA SER A 125 11.60 -11.33 -11.41
C SER A 125 11.44 -12.60 -10.58
N LEU A 126 10.63 -12.52 -9.51
CA LEU A 126 10.40 -13.70 -8.66
C LEU A 126 9.71 -14.77 -9.49
N LEU A 127 8.60 -14.41 -10.15
CA LEU A 127 7.89 -15.37 -10.97
C LEU A 127 8.86 -16.14 -11.87
N ARG A 128 9.74 -15.41 -12.58
CA ARG A 128 10.51 -16.00 -13.67
C ARG A 128 11.74 -16.76 -13.16
N GLY A 129 12.11 -16.57 -11.89
CA GLY A 129 13.29 -17.20 -11.32
C GLY A 129 12.98 -18.46 -10.53
N GLY A 130 14.03 -19.25 -10.29
CA GLY A 130 14.05 -20.39 -9.37
C GLY A 130 12.86 -21.33 -9.50
N ASN A 131 12.57 -21.78 -10.73
CA ASN A 131 11.56 -22.82 -10.91
C ASN A 131 12.23 -24.18 -11.15
N GLU A 132 13.52 -24.28 -10.77
CA GLU A 132 14.40 -25.40 -11.07
C GLU A 132 13.81 -26.75 -10.66
N ASP A 133 13.06 -26.79 -9.55
CA ASP A 133 12.61 -28.07 -9.01
C ASP A 133 11.37 -28.57 -9.73
N GLY A 134 11.51 -29.68 -10.46
CA GLY A 134 10.45 -30.27 -11.26
C GLY A 134 9.50 -31.13 -10.43
N ASP A 135 9.91 -31.42 -9.19
CA ASP A 135 9.15 -32.27 -8.28
C ASP A 135 7.94 -31.52 -7.70
N LYS A 136 8.20 -30.28 -7.23
CA LYS A 136 7.18 -29.47 -6.57
C LYS A 136 6.30 -28.81 -7.62
N ASP A 137 4.99 -28.76 -7.32
CA ASP A 137 3.98 -28.05 -8.09
C ASP A 137 4.39 -26.58 -8.18
N PRO A 138 4.27 -25.94 -9.38
CA PRO A 138 4.69 -24.54 -9.56
C PRO A 138 4.08 -23.52 -8.57
N ILE A 139 2.82 -23.75 -8.20
CA ILE A 139 2.09 -22.99 -7.20
C ILE A 139 2.84 -22.96 -5.86
N ASP A 140 3.43 -24.10 -5.48
CA ASP A 140 4.06 -24.21 -4.17
C ASP A 140 5.40 -23.51 -4.23
N ILE A 141 6.08 -23.62 -5.39
CA ILE A 141 7.33 -22.94 -5.65
C ILE A 141 7.12 -21.43 -5.54
N ASN A 142 6.05 -20.94 -6.16
CA ASN A 142 5.75 -19.51 -6.12
C ASN A 142 5.39 -19.08 -4.69
N TYR A 143 4.48 -19.84 -4.05
CA TYR A 143 4.13 -19.64 -2.65
C TYR A 143 5.39 -19.41 -1.83
N GLU A 144 6.31 -20.37 -1.92
CA GLU A 144 7.51 -20.36 -1.11
C GLU A 144 8.34 -19.09 -1.35
N LYS A 145 8.21 -18.50 -2.54
CA LYS A 145 8.97 -17.29 -2.85
C LYS A 145 8.47 -16.11 -2.02
N LEU A 146 7.23 -16.19 -1.50
CA LEU A 146 6.68 -15.07 -0.74
C LEU A 146 7.24 -15.01 0.68
N ARG A 147 7.95 -16.08 1.08
CA ARG A 147 8.51 -16.27 2.41
C ARG A 147 7.51 -15.81 3.46
N THR A 148 6.27 -16.28 3.33
CA THR A 148 5.21 -15.87 4.24
C THR A 148 4.34 -17.09 4.53
N ASP A 149 4.15 -17.37 5.81
CA ASP A 149 3.25 -18.45 6.16
C ASP A 149 1.83 -17.91 6.06
N ILE A 150 0.98 -18.58 5.27
CA ILE A 150 -0.39 -18.12 5.06
C ILE A 150 -1.35 -19.24 5.46
N LYS A 151 -2.43 -18.90 6.20
CA LYS A 151 -3.50 -19.82 6.57
C LYS A 151 -4.87 -19.21 6.29
N VAL A 152 -5.82 -20.07 5.94
CA VAL A 152 -7.19 -19.66 5.80
C VAL A 152 -7.79 -19.54 7.20
N VAL A 153 -8.36 -18.38 7.51
CA VAL A 153 -9.04 -18.19 8.78
C VAL A 153 -10.48 -18.66 8.60
N ASP A 154 -10.94 -19.54 9.50
CA ASP A 154 -12.26 -20.13 9.38
C ASP A 154 -13.32 -19.05 9.56
N LYS A 155 -14.27 -18.99 8.63
CA LYS A 155 -15.20 -17.88 8.52
C LYS A 155 -16.15 -17.83 9.70
N ASP A 156 -16.20 -18.90 10.51
CA ASP A 156 -17.14 -18.97 11.62
C ASP A 156 -16.37 -18.96 12.95
N SER A 157 -15.20 -18.34 12.97
CA SER A 157 -14.46 -18.16 14.21
C SER A 157 -14.64 -16.75 14.75
N GLU A 158 -14.44 -16.58 16.07
CA GLU A 158 -14.62 -15.30 16.75
C GLU A 158 -13.70 -14.27 16.10
N GLU A 159 -12.50 -14.73 15.74
CA GLU A 159 -11.54 -13.98 14.96
C GLU A 159 -12.17 -13.45 13.67
N ALA A 160 -12.71 -14.37 12.85
CA ALA A 160 -13.31 -13.97 11.59
C ALA A 160 -14.46 -13.01 11.83
N LYS A 161 -15.16 -13.19 12.97
CA LYS A 161 -16.39 -12.47 13.27
C LYS A 161 -16.02 -11.01 13.56
N ILE A 162 -14.89 -10.83 14.26
CA ILE A 162 -14.43 -9.51 14.66
C ILE A 162 -13.99 -8.72 13.44
N ILE A 163 -13.33 -9.39 12.49
CA ILE A 163 -12.78 -8.69 11.33
C ILE A 163 -13.94 -8.25 10.44
N LYS A 164 -14.91 -9.16 10.25
CA LYS A 164 -16.10 -8.89 9.45
C LYS A 164 -16.84 -7.64 9.95
N GLN A 165 -16.98 -7.51 11.28
CA GLN A 165 -17.58 -6.33 11.91
C GLN A 165 -16.78 -5.06 11.62
N TYR A 166 -15.44 -5.17 11.66
CA TYR A 166 -14.54 -4.04 11.44
C TYR A 166 -14.78 -3.52 10.02
N VAL A 167 -14.87 -4.46 9.07
CA VAL A 167 -15.24 -4.13 7.70
C VAL A 167 -16.63 -3.50 7.65
N LYS A 168 -17.62 -4.19 8.22
CA LYS A 168 -19.02 -3.76 8.18
C LYS A 168 -19.17 -2.35 8.75
N ASN A 169 -18.68 -2.14 9.99
CA ASN A 169 -19.00 -0.94 10.75
C ASN A 169 -18.22 0.30 10.32
N THR A 170 -17.04 0.16 9.69
CA THR A 170 -16.15 1.32 9.58
C THR A 170 -16.03 1.84 8.14
N HIS A 171 -17.04 1.53 7.31
CA HIS A 171 -17.15 2.13 5.99
C HIS A 171 -17.55 3.59 6.17
N ALA A 172 -16.89 4.49 5.44
CA ALA A 172 -17.12 5.92 5.53
C ALA A 172 -18.37 6.30 4.72
N ALA A 173 -18.91 7.50 5.04
CA ALA A 173 -20.11 8.07 4.42
C ALA A 173 -19.81 8.51 2.99
N THR A 174 -18.75 9.30 2.84
CA THR A 174 -18.32 9.85 1.57
C THR A 174 -17.84 8.75 0.61
N HIS A 175 -17.70 7.50 1.07
CA HIS A 175 -17.11 6.45 0.25
C HIS A 175 -18.19 5.49 -0.23
N ASN A 176 -19.26 6.05 -0.80
CA ASN A 176 -20.54 5.38 -0.97
C ASN A 176 -20.67 4.76 -2.37
N ALA A 177 -19.62 4.85 -3.19
CA ALA A 177 -19.59 4.24 -4.51
C ALA A 177 -19.70 2.71 -4.44
N TYR A 178 -19.43 2.09 -3.28
CA TYR A 178 -19.46 0.63 -3.22
C TYR A 178 -19.74 0.16 -1.80
N ASP A 179 -20.29 -1.04 -1.69
CA ASP A 179 -20.30 -1.80 -0.44
C ASP A 179 -19.14 -2.78 -0.55
N LEU A 180 -18.93 -3.56 0.51
CA LEU A 180 -17.73 -4.37 0.64
C LEU A 180 -18.10 -5.71 1.29
N LYS A 181 -17.71 -6.83 0.65
CA LYS A 181 -17.89 -8.16 1.23
C LYS A 181 -16.53 -8.84 1.41
N VAL A 182 -16.34 -9.45 2.58
CA VAL A 182 -15.15 -10.26 2.80
C VAL A 182 -15.34 -11.61 2.13
N VAL A 183 -14.56 -11.87 1.08
CA VAL A 183 -14.60 -13.17 0.43
C VAL A 183 -13.83 -14.19 1.28
N GLU A 184 -12.61 -13.81 1.72
CA GLU A 184 -11.70 -14.72 2.42
C GLU A 184 -10.76 -13.91 3.32
N ILE A 185 -10.33 -14.54 4.43
CA ILE A 185 -9.40 -13.99 5.42
C ILE A 185 -8.21 -14.94 5.54
N PHE A 186 -7.01 -14.41 5.28
CA PHE A 186 -5.79 -15.15 5.51
C PHE A 186 -5.06 -14.55 6.71
N ARG A 187 -4.55 -15.44 7.56
CA ARG A 187 -3.63 -15.09 8.61
C ARG A 187 -2.24 -15.20 8.00
N ILE A 188 -1.42 -14.16 8.17
CA ILE A 188 -0.16 -14.22 7.46
C ILE A 188 0.96 -13.95 8.46
N GLU A 189 2.12 -14.58 8.24
CA GLU A 189 3.27 -14.25 9.05
C GLU A 189 4.52 -14.26 8.17
N ARG A 190 5.07 -13.06 7.92
CA ARG A 190 6.22 -12.87 7.08
C ARG A 190 7.47 -13.34 7.84
N GLU A 191 8.36 -14.02 7.13
CA GLU A 191 9.54 -14.62 7.73
C GLU A 191 10.37 -13.55 8.43
N GLY A 192 10.70 -13.78 9.70
CA GLY A 192 11.56 -12.86 10.44
C GLY A 192 10.85 -11.59 10.92
N GLU A 193 9.56 -11.42 10.58
CA GLU A 193 8.85 -10.23 11.00
C GLU A 193 8.52 -10.25 12.49
N SER A 194 8.01 -11.37 13.03
CA SER A 194 7.78 -11.44 14.47
C SER A 194 9.03 -11.02 15.24
N GLN A 195 10.17 -11.59 14.84
CA GLN A 195 11.47 -11.28 15.44
C GLN A 195 11.74 -9.79 15.34
N ARG A 196 11.53 -9.21 14.15
CA ARG A 196 11.81 -7.80 13.95
C ARG A 196 10.90 -6.91 14.81
N TYR A 197 9.67 -7.36 15.07
CA TYR A 197 8.65 -6.54 15.71
C TYR A 197 8.85 -6.56 17.23
N LYS A 198 9.41 -7.67 17.72
CA LYS A 198 9.41 -8.09 19.12
C LYS A 198 9.70 -6.97 20.12
N PRO A 199 10.73 -6.09 19.94
CA PRO A 199 10.94 -4.98 20.87
C PRO A 199 9.72 -4.10 21.09
N PHE A 200 8.95 -3.88 20.01
CA PHE A 200 7.85 -2.92 20.04
C PHE A 200 6.64 -3.46 20.81
N LYS A 201 6.69 -4.73 21.23
CA LYS A 201 5.68 -5.31 22.10
C LYS A 201 5.71 -4.60 23.45
N GLN A 202 6.84 -3.97 23.76
CA GLN A 202 7.02 -3.19 24.97
C GLN A 202 6.26 -1.87 24.89
N LEU A 203 5.86 -1.43 23.70
CA LEU A 203 5.16 -0.15 23.62
C LEU A 203 3.69 -0.36 23.95
N HIS A 204 3.02 0.71 24.37
CA HIS A 204 1.57 0.71 24.55
C HIS A 204 0.89 1.20 23.27
N ASN A 205 -0.46 1.21 23.30
CA ASN A 205 -1.22 1.73 22.18
C ASN A 205 -0.82 1.01 20.90
N ARG A 206 -0.92 -0.33 20.94
CA ARG A 206 -0.72 -1.21 19.77
C ARG A 206 -2.11 -1.39 19.16
N GLN A 207 -2.28 -1.03 17.88
CA GLN A 207 -3.61 -1.05 17.27
C GLN A 207 -3.59 -1.84 15.95
N LEU A 208 -4.77 -2.41 15.60
CA LEU A 208 -4.95 -3.21 14.40
C LEU A 208 -5.60 -2.34 13.33
N LEU A 209 -4.82 -2.00 12.29
CA LEU A 209 -5.19 -0.94 11.35
C LEU A 209 -5.08 -1.41 9.92
N TRP A 210 -5.75 -0.70 9.00
CA TRP A 210 -5.87 -1.12 7.61
C TRP A 210 -4.73 -0.52 6.77
N HIS A 211 -4.25 -1.31 5.78
CA HIS A 211 -3.44 -0.80 4.68
C HIS A 211 -3.87 -1.39 3.33
N GLY A 212 -4.29 -0.53 2.40
CA GLY A 212 -4.72 -1.02 1.10
C GLY A 212 -3.64 -0.72 0.08
N SER A 213 -3.44 -1.64 -0.88
CA SER A 213 -2.57 -1.44 -2.02
C SER A 213 -3.07 -2.25 -3.22
N ARG A 214 -2.63 -1.94 -4.44
CA ARG A 214 -3.03 -2.72 -5.62
C ARG A 214 -2.58 -4.18 -5.47
N THR A 215 -3.34 -5.13 -6.06
CA THR A 215 -2.97 -6.54 -6.01
C THR A 215 -1.53 -6.74 -6.52
N THR A 216 -1.13 -5.94 -7.53
CA THR A 216 0.17 -6.06 -8.17
C THR A 216 1.35 -5.68 -7.26
N ASN A 217 1.07 -5.16 -6.04
CA ASN A 217 2.12 -4.82 -5.10
C ASN A 217 2.40 -5.96 -4.09
N PHE A 218 1.52 -6.96 -4.05
CA PHE A 218 1.51 -7.90 -2.92
C PHE A 218 2.71 -8.83 -2.88
N ALA A 219 3.33 -9.10 -4.04
CA ALA A 219 4.53 -9.93 -4.05
C ALA A 219 5.66 -9.22 -3.32
N GLY A 220 5.81 -7.94 -3.60
CA GLY A 220 6.81 -7.13 -2.94
C GLY A 220 6.47 -6.91 -1.46
N ILE A 221 5.18 -6.71 -1.17
CA ILE A 221 4.77 -6.46 0.21
C ILE A 221 4.97 -7.72 1.06
N LEU A 222 4.48 -8.88 0.58
CA LEU A 222 4.64 -10.10 1.36
C LEU A 222 6.13 -10.43 1.46
N SER A 223 6.85 -10.32 0.33
CA SER A 223 8.24 -10.76 0.37
C SER A 223 9.10 -9.78 1.14
N GLN A 224 8.75 -8.48 1.13
CA GLN A 224 9.67 -7.49 1.64
C GLN A 224 9.06 -6.65 2.77
N GLY A 225 7.80 -6.88 3.10
CA GLY A 225 7.16 -6.05 4.11
C GLY A 225 6.81 -4.66 3.57
N LEU A 226 6.02 -3.91 4.35
CA LEU A 226 5.69 -2.55 4.00
C LEU A 226 6.96 -1.72 4.18
N ARG A 227 7.20 -0.77 3.26
CA ARG A 227 8.49 -0.08 3.19
C ARG A 227 8.28 1.43 3.23
N ILE A 228 9.33 2.15 3.64
CA ILE A 228 9.28 3.60 3.61
C ILE A 228 10.11 4.09 2.44
N ALA A 229 9.54 5.08 1.73
CA ALA A 229 10.03 5.69 0.49
C ALA A 229 11.50 6.05 0.59
N PRO A 230 12.26 5.99 -0.54
CA PRO A 230 13.69 6.29 -0.53
C PRO A 230 13.90 7.78 -0.30
N PRO A 231 15.03 8.18 0.33
CA PRO A 231 15.51 9.57 0.26
C PRO A 231 15.50 10.18 -1.14
N GLU A 232 15.69 9.34 -2.16
CA GLU A 232 15.83 9.75 -3.56
C GLU A 232 14.50 10.29 -4.11
N ALA A 233 13.38 9.82 -3.57
CA ALA A 233 12.06 10.23 -4.03
C ALA A 233 11.75 11.64 -3.54
N PRO A 234 11.04 12.44 -4.36
CA PRO A 234 10.66 13.79 -3.97
C PRO A 234 9.97 13.72 -2.61
N VAL A 235 10.04 14.81 -1.86
CA VAL A 235 9.53 14.90 -0.46
C VAL A 235 8.17 15.58 -0.44
N THR A 236 7.74 16.08 -1.59
CA THR A 236 6.56 16.97 -1.74
C THR A 236 5.16 16.37 -1.60
N GLY A 237 4.93 15.11 -1.91
CA GLY A 237 3.54 14.69 -1.94
C GLY A 237 2.99 14.11 -0.64
N TYR A 238 3.83 13.95 0.40
CA TYR A 238 3.50 13.16 1.58
C TYR A 238 2.99 14.04 2.72
N MET A 239 1.67 14.01 2.96
CA MET A 239 1.05 14.92 3.91
C MET A 239 1.74 14.94 5.28
N PHE A 240 2.32 13.80 5.73
CA PHE A 240 3.06 13.76 6.98
C PHE A 240 4.39 13.04 6.82
N GLY A 241 5.11 13.39 5.75
CA GLY A 241 6.44 12.84 5.58
C GLY A 241 6.40 11.41 5.05
N LYS A 242 7.58 10.86 4.81
CA LYS A 242 7.72 9.52 4.28
C LYS A 242 7.68 8.52 5.43
N GLY A 243 6.55 7.82 5.54
CA GLY A 243 6.50 6.66 6.40
C GLY A 243 5.48 5.66 5.86
N ILE A 244 4.99 4.78 6.74
CA ILE A 244 3.92 3.86 6.38
C ILE A 244 2.61 4.40 6.94
N TYR A 245 1.58 4.42 6.09
CA TYR A 245 0.30 5.02 6.41
C TYR A 245 -0.74 3.92 6.61
N PHE A 246 -1.57 4.06 7.66
CA PHE A 246 -2.68 3.16 7.95
C PHE A 246 -3.97 3.96 8.19
N ALA A 247 -5.13 3.28 8.17
CA ALA A 247 -6.40 3.92 8.44
C ALA A 247 -7.18 3.10 9.47
N ASP A 248 -8.09 3.77 10.22
CA ASP A 248 -9.04 3.03 11.05
C ASP A 248 -10.41 2.89 10.37
N MET A 249 -10.57 3.50 9.18
CA MET A 249 -11.81 3.36 8.41
C MET A 249 -11.57 2.48 7.18
N VAL A 250 -12.10 1.25 7.17
CA VAL A 250 -11.82 0.23 6.15
C VAL A 250 -11.78 0.81 4.73
N SER A 251 -12.66 1.76 4.43
CA SER A 251 -12.94 2.18 3.07
C SER A 251 -11.92 3.21 2.59
N LYS A 252 -11.35 3.99 3.52
CA LYS A 252 -10.32 4.94 3.18
C LYS A 252 -9.08 4.18 2.69
N SER A 253 -8.83 2.98 3.25
CA SER A 253 -7.76 2.13 2.75
C SER A 253 -8.15 1.36 1.49
N ALA A 254 -9.35 0.75 1.49
CA ALA A 254 -9.90 0.02 0.35
C ALA A 254 -9.84 0.84 -0.92
N ASN A 255 -9.97 2.17 -0.80
CA ASN A 255 -9.81 3.09 -1.91
C ASN A 255 -8.49 2.89 -2.62
N TYR A 256 -7.45 2.55 -1.85
CA TYR A 256 -6.13 2.47 -2.42
C TYR A 256 -5.91 1.11 -3.05
N CYS A 257 -6.96 0.26 -3.11
CA CYS A 257 -6.86 -0.98 -3.87
C CYS A 257 -6.93 -0.73 -5.38
N HIS A 258 -7.53 0.40 -5.81
CA HIS A 258 -7.70 0.67 -7.24
C HIS A 258 -8.47 -0.47 -7.92
N THR A 259 -9.62 -0.80 -7.33
CA THR A 259 -10.56 -1.70 -7.98
C THR A 259 -11.48 -0.90 -8.89
N SER A 260 -12.30 -1.62 -9.66
CA SER A 260 -13.31 -1.01 -10.51
C SER A 260 -14.47 -1.99 -10.67
N GLN A 261 -15.58 -1.51 -11.26
CA GLN A 261 -16.64 -2.42 -11.68
C GLN A 261 -16.07 -3.50 -12.58
N ALA A 262 -15.05 -3.15 -13.38
CA ALA A 262 -14.44 -4.05 -14.36
C ALA A 262 -13.50 -5.06 -13.69
N ASP A 263 -13.05 -4.73 -12.47
CA ASP A 263 -12.04 -5.48 -11.75
C ASP A 263 -12.33 -5.37 -10.25
N PRO A 264 -13.39 -6.06 -9.75
CA PRO A 264 -13.97 -5.75 -8.44
C PRO A 264 -13.33 -6.41 -7.22
N ILE A 265 -12.23 -7.16 -7.42
CA ILE A 265 -11.60 -7.95 -6.38
C ILE A 265 -10.29 -7.29 -5.94
N GLY A 266 -10.18 -6.96 -4.66
CA GLY A 266 -8.95 -6.38 -4.11
C GLY A 266 -8.40 -7.15 -2.91
N LEU A 267 -7.18 -6.80 -2.51
CA LEU A 267 -6.52 -7.30 -1.32
C LEU A 267 -6.23 -6.11 -0.40
N ILE A 268 -6.50 -6.30 0.91
CA ILE A 268 -6.21 -5.31 1.94
C ILE A 268 -5.60 -6.01 3.15
N LEU A 269 -4.67 -5.31 3.84
CA LEU A 269 -4.01 -5.76 5.05
C LEU A 269 -4.66 -5.19 6.30
N LEU A 270 -4.59 -6.01 7.37
CA LEU A 270 -4.60 -5.55 8.74
C LEU A 270 -3.22 -5.78 9.36
N GLY A 271 -2.60 -4.72 9.86
CA GLY A 271 -1.32 -4.85 10.55
C GLY A 271 -1.46 -4.41 12.01
N GLU A 272 -0.80 -5.12 12.93
CA GLU A 272 -0.59 -4.57 14.27
C GLU A 272 0.45 -3.45 14.17
N VAL A 273 0.10 -2.27 14.66
CA VAL A 273 0.94 -1.11 14.49
C VAL A 273 1.29 -0.56 15.88
N ALA A 274 2.59 -0.49 16.21
CA ALA A 274 2.99 -0.13 17.55
C ALA A 274 3.15 1.39 17.62
N LEU A 275 2.06 2.06 17.99
CA LEU A 275 1.91 3.50 17.81
C LEU A 275 2.43 4.30 19.02
N GLY A 276 2.46 3.67 20.21
CA GLY A 276 2.98 4.32 21.41
C GLY A 276 2.32 5.69 21.65
N ASN A 277 3.16 6.69 21.88
CA ASN A 277 2.75 8.07 22.06
C ASN A 277 2.67 8.79 20.73
N MET A 278 1.48 9.31 20.42
CA MET A 278 1.16 9.78 19.09
C MET A 278 1.29 11.30 19.03
N TYR A 279 2.20 11.76 18.17
CA TYR A 279 2.29 13.15 17.80
C TYR A 279 1.07 13.50 16.95
N GLU A 280 0.04 14.07 17.60
CA GLU A 280 -1.23 14.31 16.93
C GLU A 280 -1.15 15.64 16.19
N LEU A 281 -1.63 15.63 14.94
CA LEU A 281 -1.52 16.78 14.03
C LEU A 281 -2.83 17.00 13.30
N LYS A 282 -2.97 18.20 12.71
CA LYS A 282 -4.21 18.69 12.13
C LYS A 282 -4.00 18.99 10.65
N ASN A 283 -2.77 19.44 10.33
CA ASN A 283 -2.44 20.04 9.04
C ASN A 283 -1.13 19.43 8.52
N ALA A 284 -0.87 19.61 7.22
CA ALA A 284 0.32 19.07 6.59
C ALA A 284 1.58 19.45 7.36
N SER A 285 2.59 18.58 7.33
CA SER A 285 3.93 18.89 7.81
C SER A 285 4.90 17.77 7.47
N HIS A 286 5.99 18.13 6.80
CA HIS A 286 7.03 17.18 6.45
C HIS A 286 7.88 16.89 7.70
N ILE A 287 7.49 15.83 8.42
CA ILE A 287 8.25 15.35 9.56
C ILE A 287 9.52 14.68 9.03
N THR A 288 10.67 15.04 9.62
CA THR A 288 11.92 14.34 9.40
C THR A 288 12.37 13.65 10.69
N LYS A 289 12.16 14.33 11.83
CA LYS A 289 12.34 13.75 13.17
C LYS A 289 11.05 13.91 13.97
N LEU A 290 10.81 12.95 14.86
CA LEU A 290 9.64 13.02 15.73
C LEU A 290 10.03 13.70 17.04
N PRO A 291 9.15 14.57 17.62
CA PRO A 291 9.37 15.13 18.95
C PRO A 291 9.85 14.12 19.98
N LYS A 292 10.13 14.65 21.19
CA LYS A 292 10.72 13.91 22.28
C LYS A 292 9.71 12.91 22.84
N GLY A 293 10.10 11.63 22.80
CA GLY A 293 9.30 10.51 23.29
C GLY A 293 7.97 10.36 22.55
N LYS A 294 7.98 10.59 21.24
CA LYS A 294 6.84 10.29 20.38
C LYS A 294 7.24 9.14 19.46
N HIS A 295 6.32 8.21 19.20
CA HIS A 295 6.71 7.00 18.48
C HIS A 295 6.04 6.93 17.10
N SER A 296 5.07 7.83 16.85
CA SER A 296 4.22 7.77 15.67
C SER A 296 3.56 9.12 15.45
N VAL A 297 2.89 9.26 14.30
CA VAL A 297 2.05 10.41 14.02
C VAL A 297 0.62 9.95 13.81
N LYS A 298 -0.32 10.72 14.35
CA LYS A 298 -1.71 10.57 13.99
C LYS A 298 -2.20 11.89 13.39
N GLY A 299 -2.59 11.85 12.12
CA GLY A 299 -3.40 12.91 11.54
C GLY A 299 -4.84 12.72 11.98
N LEU A 300 -5.38 13.75 12.65
CA LEU A 300 -6.72 13.70 13.25
C LEU A 300 -7.79 14.07 12.22
N GLY A 301 -8.87 13.30 12.24
CA GLY A 301 -9.91 13.42 11.24
C GLY A 301 -11.24 13.84 11.87
N LYS A 302 -12.13 14.35 11.01
CA LYS A 302 -13.41 14.88 11.42
C LYS A 302 -14.33 13.72 11.81
N THR A 303 -13.94 12.49 11.43
CA THR A 303 -14.77 11.31 11.70
C THR A 303 -13.88 10.10 11.99
N ALA A 304 -14.28 9.29 12.99
CA ALA A 304 -13.52 8.13 13.42
C ALA A 304 -14.44 7.14 14.14
N PRO A 305 -14.11 5.83 14.18
CA PRO A 305 -14.90 4.88 14.96
C PRO A 305 -15.14 5.35 16.40
N ASP A 306 -16.36 5.12 16.88
CA ASP A 306 -16.77 5.48 18.24
C ASP A 306 -15.87 4.77 19.27
N PRO A 307 -15.09 5.53 20.07
CA PRO A 307 -14.14 4.91 21.00
C PRO A 307 -14.79 3.91 21.95
N THR A 308 -16.11 4.03 22.16
CA THR A 308 -16.78 3.24 23.19
C THR A 308 -16.99 1.80 22.74
N ALA A 309 -16.77 1.50 21.45
CA ALA A 309 -17.00 0.17 20.89
C ALA A 309 -15.70 -0.62 20.69
N THR A 310 -14.56 0.07 20.74
CA THR A 310 -13.25 -0.53 20.50
C THR A 310 -13.14 -1.81 21.32
N THR A 311 -12.53 -2.84 20.72
CA THR A 311 -12.35 -4.13 21.35
C THR A 311 -10.87 -4.51 21.30
N THR A 312 -10.57 -5.70 21.84
CA THR A 312 -9.22 -6.21 21.83
C THR A 312 -9.16 -7.55 21.12
N LEU A 313 -8.24 -7.67 20.15
CA LEU A 313 -7.97 -8.93 19.48
C LEU A 313 -6.51 -9.27 19.79
N ASP A 314 -6.32 -10.32 20.62
CA ASP A 314 -5.00 -10.77 21.03
C ASP A 314 -4.20 -9.63 21.68
N GLY A 315 -4.90 -8.75 22.40
CA GLY A 315 -4.23 -7.71 23.16
C GLY A 315 -3.89 -6.46 22.32
N VAL A 316 -4.31 -6.50 21.06
CA VAL A 316 -4.21 -5.36 20.14
C VAL A 316 -5.58 -4.68 20.04
N GLU A 317 -5.61 -3.34 20.03
CA GLU A 317 -6.87 -2.62 20.03
C GLU A 317 -7.50 -2.70 18.64
N VAL A 318 -8.82 -2.93 18.59
CA VAL A 318 -9.55 -2.96 17.33
C VAL A 318 -10.63 -1.89 17.35
N PRO A 319 -10.40 -0.74 16.69
CA PRO A 319 -11.37 0.35 16.68
C PRO A 319 -12.50 0.10 15.67
N LEU A 320 -13.38 -0.87 15.98
CA LEU A 320 -14.41 -1.36 15.06
C LEU A 320 -15.78 -0.71 15.27
N GLY A 321 -15.83 0.36 16.06
CA GLY A 321 -17.05 1.13 16.19
C GLY A 321 -17.48 1.77 14.87
N ASN A 322 -18.79 2.05 14.76
CA ASN A 322 -19.36 2.80 13.64
C ASN A 322 -18.80 4.21 13.73
N GLY A 323 -18.58 4.82 12.55
CA GLY A 323 -17.90 6.10 12.49
C GLY A 323 -18.78 7.23 13.00
N ILE A 324 -18.20 8.12 13.83
CA ILE A 324 -18.93 9.26 14.36
C ILE A 324 -18.06 10.51 14.30
N SER A 325 -18.70 11.66 14.50
CA SER A 325 -17.98 12.92 14.63
C SER A 325 -17.05 12.87 15.82
N THR A 326 -15.90 13.53 15.69
CA THR A 326 -14.84 13.51 16.69
C THR A 326 -14.81 14.85 17.44
N GLY A 327 -15.58 15.83 16.94
CA GLY A 327 -15.64 17.16 17.50
C GLY A 327 -14.42 17.99 17.14
N ILE A 328 -13.68 17.55 16.11
CA ILE A 328 -12.50 18.26 15.66
C ILE A 328 -12.80 18.75 14.24
N ASN A 329 -12.62 20.05 14.02
CA ASN A 329 -13.10 20.71 12.79
C ASN A 329 -11.99 21.56 12.17
N ASP A 330 -11.09 22.06 13.03
CA ASP A 330 -9.90 22.82 12.65
C ASP A 330 -8.89 21.92 11.96
N THR A 331 -9.37 20.78 11.42
CA THR A 331 -8.52 19.78 10.76
C THR A 331 -8.89 19.67 9.28
N CYS A 332 -7.88 19.37 8.46
CA CYS A 332 -8.06 19.13 7.04
C CYS A 332 -8.77 17.79 6.80
N LEU A 333 -8.14 16.71 7.26
CA LEU A 333 -8.54 15.33 6.98
C LEU A 333 -9.99 15.10 7.36
N LEU A 334 -10.69 14.29 6.55
CA LEU A 334 -12.05 13.88 6.86
C LEU A 334 -12.04 12.73 7.86
N TYR A 335 -11.05 11.85 7.72
CA TYR A 335 -10.95 10.61 8.50
C TYR A 335 -9.52 10.49 9.02
N ASN A 336 -9.32 9.75 10.12
CA ASN A 336 -7.99 9.62 10.68
C ASN A 336 -7.02 8.97 9.69
N GLU A 337 -5.71 9.20 9.91
CA GLU A 337 -4.70 8.26 9.46
C GLU A 337 -3.52 8.25 10.42
N TYR A 338 -2.81 7.11 10.46
CA TYR A 338 -1.70 6.91 11.38
C TYR A 338 -0.43 6.60 10.61
N ILE A 339 0.68 7.23 11.03
CA ILE A 339 1.96 7.08 10.34
C ILE A 339 3.06 6.62 11.30
N VAL A 340 3.81 5.60 10.90
CA VAL A 340 5.03 5.27 11.62
C VAL A 340 6.24 5.46 10.70
N TYR A 341 7.44 5.56 11.30
CA TYR A 341 8.61 6.03 10.59
C TYR A 341 9.72 4.97 10.61
N ASP A 342 9.42 3.81 11.20
CA ASP A 342 10.37 2.70 11.25
C ASP A 342 9.63 1.43 10.80
N VAL A 343 10.14 0.75 9.77
CA VAL A 343 9.43 -0.38 9.19
C VAL A 343 9.22 -1.46 10.24
N ALA A 344 10.03 -1.44 11.31
CA ALA A 344 10.00 -2.50 12.30
C ALA A 344 8.79 -2.37 13.23
N GLN A 345 8.11 -1.22 13.19
CA GLN A 345 6.97 -0.93 14.05
C GLN A 345 5.67 -1.52 13.49
N VAL A 346 5.75 -2.40 12.47
CA VAL A 346 4.59 -3.03 11.85
C VAL A 346 4.79 -4.55 11.89
N ASN A 347 3.77 -5.26 12.38
CA ASN A 347 3.65 -6.70 12.18
C ASN A 347 2.34 -6.97 11.44
N LEU A 348 2.41 -7.39 10.17
CA LEU A 348 1.22 -7.69 9.39
C LEU A 348 0.54 -8.93 9.97
N LYS A 349 -0.79 -8.92 10.13
CA LYS A 349 -1.54 -9.98 10.81
C LYS A 349 -2.48 -10.73 9.87
N TYR A 350 -3.16 -10.00 8.97
CA TYR A 350 -4.15 -10.61 8.11
C TYR A 350 -4.13 -9.91 6.74
N LEU A 351 -4.52 -10.70 5.75
CA LEU A 351 -4.73 -10.26 4.38
C LEU A 351 -6.15 -10.67 4.04
N LEU A 352 -7.02 -9.72 3.67
CA LEU A 352 -8.40 -10.02 3.25
C LEU A 352 -8.54 -9.87 1.73
N LYS A 353 -9.17 -10.87 1.10
CA LYS A 353 -9.67 -10.74 -0.26
C LYS A 353 -11.04 -10.05 -0.20
N LEU A 354 -11.16 -8.88 -0.84
CA LEU A 354 -12.36 -8.07 -0.76
C LEU A 354 -13.10 -8.07 -2.09
N LYS A 355 -14.44 -8.10 -2.01
CA LYS A 355 -15.32 -7.93 -3.16
C LYS A 355 -16.01 -6.56 -3.04
N PHE A 356 -15.73 -5.69 -4.01
CA PHE A 356 -16.33 -4.37 -4.04
C PHE A 356 -17.60 -4.44 -4.88
N ASN A 357 -18.77 -4.41 -4.22
CA ASN A 357 -20.08 -4.34 -4.85
C ASN A 357 -20.42 -2.87 -5.12
N TYR A 358 -20.20 -2.43 -6.35
CA TYR A 358 -20.28 -1.04 -6.76
C TYR A 358 -21.73 -0.58 -6.99
#